data_4JD0
#
_entry.id   4JD0
#
_cell.length_a   133.090
_cell.length_b   133.090
_cell.length_c   43.365
_cell.angle_alpha   90.00
_cell.angle_beta   90.00
_cell.angle_gamma   120.00
#
_symmetry.space_group_name_H-M   'P 32 2 1'
#
loop_
_entity.id
_entity.type
_entity.pdbx_description
1 polymer 'Nucleotidyl transferase'
2 non-polymer arsenoribose
3 non-polymer 'CHLORIDE ION'
4 non-polymer 'SODIUM ION'
5 non-polymer 'PHOSPHATE ION'
6 non-polymer GLYCEROL
7 water water
#
_entity_poly.entity_id   1
_entity_poly.type   'polypeptide(L)'
_entity_poly.pdbx_seq_one_letter_code
;HHHHHHFQGAMREAIVLASGAGKRLRSVTGDVPKVFYRFDGCELVKYPMISLMKNGVERFVLVVSEGYRDLGEKVLNDLG
VEGIVVENKKVELGNAYSFFLSEPYVESEKFFLSCGDSLFPPSALKSAFSEDEFHIKLGVSKRSDLIDPEKASKVLVNEN
RIVKIGKRIDQYNYFDTGVFVMTKKVYSLKESFSWTEDISLYHVLQKAVDTGMIVKVFDFGNALWTEIDSPADLNSKVYE
LMSKIKEGVAC
;
_entity_poly.pdbx_strand_id   A
#
# COMPACT_ATOMS: atom_id res chain seq x y z
N PHE A 7 -11.97 -6.39 21.99
CA PHE A 7 -10.96 -5.32 21.76
C PHE A 7 -10.41 -5.39 20.29
N GLN A 8 -11.30 -5.20 19.32
CA GLN A 8 -10.93 -4.98 17.93
C GLN A 8 -11.28 -3.55 17.62
N GLY A 9 -10.33 -2.63 17.60
CA GLY A 9 -10.68 -1.23 17.29
C GLY A 9 -10.51 -0.83 15.80
N ALA A 10 -11.49 -0.14 15.20
CA ALA A 10 -11.42 0.40 13.81
C ALA A 10 -10.29 1.37 13.73
N MET A 11 -9.64 1.49 12.60
CA MET A 11 -8.60 2.52 12.43
C MET A 11 -9.17 3.52 11.46
N ARG A 12 -9.22 4.79 11.87
CA ARG A 12 -9.91 5.83 11.10
C ARG A 12 -9.02 6.44 10.04
N GLU A 13 -7.70 6.17 10.05
CA GLU A 13 -6.78 6.86 9.19
C GLU A 13 -5.95 5.89 8.31
N ALA A 14 -5.69 6.30 7.06
CA ALA A 14 -4.76 5.53 6.21
C ALA A 14 -3.87 6.45 5.43
N ILE A 15 -2.61 6.03 5.28
CA ILE A 15 -1.67 6.68 4.40
CA ILE A 15 -1.67 6.69 4.39
C ILE A 15 -1.75 5.88 3.08
N VAL A 16 -1.93 6.57 1.94
CA VAL A 16 -1.92 5.88 0.63
C VAL A 16 -0.77 6.48 -0.19
N LEU A 17 0.12 5.62 -0.71
CA LEU A 17 1.29 6.07 -1.47
C LEU A 17 0.92 6.08 -2.95
N ALA A 18 0.95 7.28 -3.55
CA ALA A 18 0.44 7.41 -4.94
C ALA A 18 1.46 8.29 -5.70
N SER A 19 2.75 8.08 -5.47
N SER A 19 2.73 8.06 -5.34
CA SER A 19 3.77 8.93 -6.10
CA SER A 19 3.91 8.70 -5.88
C SER A 19 4.75 8.21 -7.07
C SER A 19 4.89 7.66 -6.42
N GLY A 20 4.48 6.97 -7.46
CA GLY A 20 5.43 6.27 -8.35
C GLY A 20 5.24 6.88 -9.75
N ALA A 21 6.22 6.74 -10.66
CA ALA A 21 6.01 7.01 -12.12
C ALA A 21 4.91 6.11 -12.84
N GLY A 22 4.96 4.80 -12.49
CA GLY A 22 4.36 3.69 -13.23
C GLY A 22 4.99 3.49 -14.63
N LYS A 23 6.36 3.49 -14.78
CA LYS A 23 7.04 3.32 -16.11
CA LYS A 23 7.07 3.29 -16.08
C LYS A 23 6.49 2.16 -16.99
N ARG A 24 6.32 0.94 -16.39
CA ARG A 24 5.89 -0.27 -17.18
C ARG A 24 4.47 -0.19 -17.77
N LEU A 25 3.68 0.76 -17.27
CA LEU A 25 2.28 0.93 -17.73
C LEU A 25 2.16 2.17 -18.64
N ARG A 26 3.29 2.87 -18.89
CA ARG A 26 3.30 4.03 -19.78
C ARG A 26 2.64 3.76 -21.16
N SER A 27 2.78 2.56 -21.74
CA SER A 27 2.14 2.26 -23.05
C SER A 27 0.60 2.39 -22.97
N VAL A 28 0.05 2.18 -21.78
CA VAL A 28 -1.40 2.33 -21.50
C VAL A 28 -1.72 3.74 -21.03
N THR A 29 -0.93 4.30 -20.12
CA THR A 29 -1.36 5.51 -19.42
C THR A 29 -0.75 6.78 -20.00
N GLY A 30 0.30 6.66 -20.81
CA GLY A 30 0.92 7.84 -21.41
C GLY A 30 1.45 8.78 -20.32
N ASP A 31 0.99 10.06 -20.34
CA ASP A 31 1.49 11.14 -19.49
C ASP A 31 0.97 11.00 -18.06
N VAL A 32 -0.22 10.44 -17.89
CA VAL A 32 -0.92 10.32 -16.59
CA VAL A 32 -0.82 10.37 -16.56
C VAL A 32 -0.30 9.18 -15.72
N PRO A 33 0.16 9.47 -14.47
CA PRO A 33 0.72 8.42 -13.53
C PRO A 33 -0.34 7.32 -13.46
N LYS A 34 0.04 6.02 -13.46
CA LYS A 34 -0.99 4.90 -13.39
C LYS A 34 -1.97 5.09 -12.21
N VAL A 35 -1.50 5.62 -11.05
CA VAL A 35 -2.43 5.73 -9.91
C VAL A 35 -3.64 6.65 -10.22
N PHE A 36 -3.48 7.55 -11.21
CA PHE A 36 -4.60 8.47 -11.55
C PHE A 36 -5.20 8.13 -12.90
N TYR A 37 -4.80 7.02 -13.48
CA TYR A 37 -5.41 6.56 -14.71
C TYR A 37 -6.65 5.68 -14.39
N ARG A 38 -7.73 5.81 -15.17
CA ARG A 38 -8.91 4.99 -14.92
C ARG A 38 -8.81 3.59 -15.50
N PHE A 39 -9.17 2.55 -14.71
CA PHE A 39 -9.24 1.19 -15.17
C PHE A 39 -10.61 0.81 -14.72
N ASP A 40 -11.43 0.25 -15.62
CA ASP A 40 -12.85 -0.08 -15.31
C ASP A 40 -13.60 1.09 -14.69
N GLY A 41 -13.38 2.27 -15.25
CA GLY A 41 -14.02 3.47 -14.70
C GLY A 41 -13.68 4.09 -13.34
N CYS A 42 -12.66 3.65 -12.61
CA CYS A 42 -12.14 4.48 -11.47
C CYS A 42 -10.68 4.56 -11.60
N GLU A 43 -10.14 5.68 -11.19
CA GLU A 43 -8.68 5.86 -10.95
CA GLU A 43 -8.66 5.79 -11.01
C GLU A 43 -8.13 4.68 -10.14
N LEU A 44 -6.96 4.16 -10.53
CA LEU A 44 -6.42 2.96 -9.85
C LEU A 44 -6.37 3.23 -8.34
N VAL A 45 -5.85 4.41 -7.90
CA VAL A 45 -5.73 4.72 -6.43
CA VAL A 45 -5.71 4.70 -6.44
C VAL A 45 -7.03 4.62 -5.67
N LYS A 46 -8.17 4.85 -6.34
CA LYS A 46 -9.43 4.77 -5.62
C LYS A 46 -9.74 3.35 -5.13
N TYR A 47 -9.26 2.31 -5.80
CA TYR A 47 -9.64 0.93 -5.35
C TYR A 47 -9.13 0.59 -3.92
N PRO A 48 -7.79 0.73 -3.64
CA PRO A 48 -7.43 0.50 -2.21
C PRO A 48 -8.16 1.51 -1.25
N MET A 49 -8.36 2.77 -1.68
CA MET A 49 -9.11 3.74 -0.85
C MET A 49 -10.53 3.30 -0.54
N ILE A 50 -11.26 2.78 -1.51
CA ILE A 50 -12.62 2.32 -1.25
C ILE A 50 -12.60 1.13 -0.31
N SER A 51 -11.69 0.17 -0.53
CA SER A 51 -11.66 -1.03 0.39
C SER A 51 -11.34 -0.56 1.81
N LEU A 52 -10.47 0.44 1.96
CA LEU A 52 -10.14 0.97 3.29
C LEU A 52 -11.33 1.73 3.86
N MET A 53 -12.05 2.53 3.07
CA MET A 53 -13.26 3.21 3.58
C MET A 53 -14.31 2.19 3.98
N LYS A 54 -14.45 1.10 3.23
CA LYS A 54 -15.40 0.07 3.62
C LYS A 54 -14.96 -0.64 4.89
N ASN A 55 -13.73 -0.40 5.33
CA ASN A 55 -13.28 -0.93 6.65
C ASN A 55 -13.24 0.14 7.77
N GLY A 56 -13.89 1.26 7.52
CA GLY A 56 -14.04 2.34 8.55
C GLY A 56 -13.03 3.47 8.45
N VAL A 57 -12.18 3.48 7.43
CA VAL A 57 -11.22 4.56 7.35
C VAL A 57 -11.97 5.83 6.90
N GLU A 58 -11.67 6.98 7.53
CA GLU A 58 -12.42 8.23 7.31
C GLU A 58 -11.52 9.39 7.01
N ARG A 59 -10.22 9.16 7.05
CA ARG A 59 -9.23 10.22 6.72
C ARG A 59 -8.00 9.61 6.02
N PHE A 60 -7.57 10.22 4.91
CA PHE A 60 -6.34 9.74 4.21
C PHE A 60 -5.28 10.79 4.22
N VAL A 61 -4.04 10.34 4.33
CA VAL A 61 -2.89 11.13 3.97
C VAL A 61 -2.47 10.53 2.62
N LEU A 62 -2.67 11.31 1.55
CA LEU A 62 -2.45 10.78 0.19
C LEU A 62 -1.15 11.38 -0.28
N VAL A 63 -0.12 10.55 -0.53
CA VAL A 63 1.19 11.11 -0.94
C VAL A 63 1.31 10.97 -2.47
N VAL A 64 1.54 12.10 -3.16
CA VAL A 64 1.65 12.19 -4.64
C VAL A 64 3.03 12.83 -5.05
N SER A 65 3.46 12.65 -6.31
CA SER A 65 4.76 13.23 -6.73
CA SER A 65 4.74 13.21 -6.76
C SER A 65 4.57 14.73 -6.92
N GLU A 66 5.67 15.49 -6.76
CA GLU A 66 5.67 16.95 -6.95
CA GLU A 66 5.75 16.95 -6.99
C GLU A 66 4.94 17.23 -8.25
N GLY A 67 3.83 17.95 -8.15
CA GLY A 67 3.12 18.38 -9.35
C GLY A 67 1.71 17.86 -9.61
N TYR A 68 1.34 16.90 -8.79
CA TYR A 68 0.03 16.20 -8.87
C TYR A 68 -0.89 16.47 -7.67
N ARG A 69 -0.68 17.55 -6.91
CA ARG A 69 -1.56 17.87 -5.77
CA ARG A 69 -1.56 17.88 -5.78
C ARG A 69 -3.06 17.86 -6.19
N ASP A 70 -3.36 18.54 -7.31
CA ASP A 70 -4.68 18.66 -7.93
CA ASP A 70 -4.76 18.66 -7.68
C ASP A 70 -5.37 17.31 -8.12
N LEU A 71 -4.60 16.38 -8.73
CA LEU A 71 -5.12 15.04 -8.96
C LEU A 71 -5.47 14.36 -7.63
N GLY A 72 -4.56 14.49 -6.63
CA GLY A 72 -4.80 13.95 -5.26
C GLY A 72 -6.08 14.56 -4.67
N GLU A 73 -6.25 15.87 -4.78
CA GLU A 73 -7.42 16.53 -4.20
CA GLU A 73 -7.42 16.55 -4.22
C GLU A 73 -8.69 16.05 -4.86
N LYS A 74 -8.65 15.85 -6.20
CA LYS A 74 -9.86 15.40 -6.92
C LYS A 74 -10.26 14.03 -6.43
N VAL A 75 -9.25 13.18 -6.15
CA VAL A 75 -9.52 11.82 -5.67
CA VAL A 75 -9.62 11.83 -5.71
C VAL A 75 -10.31 11.91 -4.34
N LEU A 76 -9.78 12.71 -3.39
CA LEU A 76 -10.51 12.89 -2.10
C LEU A 76 -11.92 13.45 -2.30
N ASN A 77 -12.05 14.52 -3.11
CA ASN A 77 -13.42 15.11 -3.41
C ASN A 77 -14.35 14.05 -3.97
N ASP A 78 -13.90 13.32 -5.00
CA ASP A 78 -14.71 12.28 -5.62
C ASP A 78 -15.27 11.26 -4.62
N LEU A 79 -14.43 10.82 -3.70
CA LEU A 79 -14.82 9.76 -2.78
C LEU A 79 -15.64 10.29 -1.61
N GLY A 80 -15.67 11.62 -1.50
CA GLY A 80 -16.37 12.37 -0.40
C GLY A 80 -15.73 12.07 0.95
N VAL A 81 -14.39 11.99 0.97
CA VAL A 81 -13.69 11.57 2.18
C VAL A 81 -12.67 12.71 2.57
N GLU A 82 -12.45 12.87 3.87
CA GLU A 82 -11.54 13.88 4.41
CA GLU A 82 -11.50 13.88 4.39
C GLU A 82 -10.09 13.44 4.11
N GLY A 83 -9.19 14.39 3.90
CA GLY A 83 -7.82 13.99 3.77
C GLY A 83 -6.95 15.19 3.51
N ILE A 84 -5.67 14.91 3.40
CA ILE A 84 -4.69 15.90 3.03
C ILE A 84 -3.76 15.26 1.98
N VAL A 85 -3.38 16.04 0.96
CA VAL A 85 -2.48 15.58 -0.07
C VAL A 85 -1.09 16.12 0.21
N VAL A 86 -0.11 15.26 0.14
CA VAL A 86 1.23 15.65 0.47
C VAL A 86 2.10 15.41 -0.78
N GLU A 87 2.92 16.36 -1.17
CA GLU A 87 3.70 16.24 -2.38
C GLU A 87 5.10 15.72 -2.06
N ASN A 88 5.54 14.74 -2.83
CA ASN A 88 6.85 14.12 -2.70
C ASN A 88 7.79 14.71 -3.76
N LYS A 89 8.83 15.42 -3.31
CA LYS A 89 9.79 16.07 -4.23
C LYS A 89 11.02 15.17 -4.49
N LYS A 90 11.04 13.94 -3.96
CA LYS A 90 12.24 13.06 -4.09
C LYS A 90 11.79 11.65 -4.45
N VAL A 91 11.03 11.52 -5.55
CA VAL A 91 10.42 10.24 -6.00
C VAL A 91 11.50 9.17 -6.20
N GLU A 92 12.73 9.59 -6.49
CA GLU A 92 13.83 8.64 -6.71
C GLU A 92 14.34 7.95 -5.41
N LEU A 93 13.90 8.46 -4.25
CA LEU A 93 14.24 7.79 -2.99
C LEU A 93 13.32 6.63 -2.62
N GLY A 94 12.32 6.32 -3.47
CA GLY A 94 11.49 5.12 -3.30
C GLY A 94 10.30 5.30 -2.36
N ASN A 95 9.47 4.26 -2.29
CA ASN A 95 8.27 4.35 -1.50
CA ASN A 95 8.27 4.23 -1.47
C ASN A 95 8.50 4.40 0.02
N ALA A 96 9.68 3.98 0.52
CA ALA A 96 9.94 4.19 1.97
C ALA A 96 9.99 5.70 2.24
N TYR A 97 10.57 6.48 1.33
CA TYR A 97 10.65 7.95 1.52
C TYR A 97 9.24 8.53 1.50
N SER A 98 8.40 8.09 0.56
CA SER A 98 6.96 8.51 0.53
C SER A 98 6.29 8.26 1.88
N PHE A 99 6.51 7.07 2.44
CA PHE A 99 6.02 6.78 3.77
C PHE A 99 6.56 7.75 4.86
N PHE A 100 7.88 7.91 4.98
CA PHE A 100 8.44 8.78 6.03
C PHE A 100 7.95 10.22 5.88
N LEU A 101 7.66 10.69 4.65
CA LEU A 101 7.08 12.02 4.42
C LEU A 101 5.75 12.25 5.13
N SER A 102 4.99 11.19 5.43
CA SER A 102 3.63 11.32 5.94
C SER A 102 3.65 11.64 7.42
N GLU A 103 4.80 11.53 8.08
CA GLU A 103 4.89 11.65 9.57
C GLU A 103 4.21 12.87 10.13
N PRO A 104 4.55 14.07 9.63
CA PRO A 104 3.87 15.23 10.26
C PRO A 104 2.34 15.30 10.10
N TYR A 105 1.76 14.46 9.25
CA TYR A 105 0.37 14.58 8.81
C TYR A 105 -0.49 13.55 9.49
N VAL A 106 0.11 12.53 10.10
CA VAL A 106 -0.67 11.44 10.66
C VAL A 106 -1.16 11.86 12.05
N GLU A 107 -2.42 11.59 12.35
CA GLU A 107 -3.06 12.07 13.58
C GLU A 107 -3.49 10.96 14.48
N SER A 108 -2.99 9.74 14.27
CA SER A 108 -3.39 8.55 15.04
CA SER A 108 -3.37 8.59 15.07
CA SER A 108 -3.34 8.66 15.17
C SER A 108 -2.11 7.79 15.41
N GLU A 109 -2.18 6.96 16.45
CA GLU A 109 -1.06 6.16 16.89
C GLU A 109 -0.87 4.96 15.95
N LYS A 110 -1.97 4.42 15.44
CA LYS A 110 -1.94 3.16 14.71
C LYS A 110 -2.80 3.41 13.47
N PHE A 111 -2.33 3.06 12.28
CA PHE A 111 -3.05 3.49 11.05
C PHE A 111 -2.73 2.51 9.93
N PHE A 112 -3.59 2.46 8.93
CA PHE A 112 -3.26 1.70 7.69
C PHE A 112 -2.23 2.41 6.80
N LEU A 113 -1.49 1.62 6.01
CA LEU A 113 -0.69 2.17 4.97
C LEU A 113 -1.01 1.28 3.77
N SER A 114 -1.29 1.89 2.60
CA SER A 114 -1.46 1.04 1.41
C SER A 114 -0.68 1.65 0.23
N CYS A 115 0.00 0.80 -0.56
CA CYS A 115 0.44 1.24 -1.91
C CYS A 115 -0.80 1.62 -2.71
N GLY A 116 -0.65 2.62 -3.56
CA GLY A 116 -1.82 3.14 -4.36
C GLY A 116 -2.08 2.18 -5.55
N ASP A 117 -1.21 1.17 -5.73
CA ASP A 117 -1.43 0.19 -6.84
C ASP A 117 -1.73 -1.24 -6.32
N SER A 118 -2.00 -1.39 -5.01
CA SER A 118 -2.43 -2.68 -4.42
C SER A 118 -3.94 -2.76 -4.59
N LEU A 119 -4.41 -3.84 -5.18
CA LEU A 119 -5.83 -4.03 -5.43
CA LEU A 119 -5.84 -4.05 -5.41
C LEU A 119 -6.29 -5.21 -4.53
N PHE A 120 -7.34 -5.01 -3.73
CA PHE A 120 -7.81 -6.02 -2.79
C PHE A 120 -9.22 -5.61 -2.39
N PRO A 121 -10.06 -6.60 -2.06
CA PRO A 121 -11.45 -6.28 -1.72
C PRO A 121 -11.48 -6.01 -0.16
N PRO A 122 -12.59 -5.45 0.30
CA PRO A 122 -12.63 -5.06 1.75
C PRO A 122 -12.43 -6.26 2.66
N SER A 123 -12.85 -7.47 2.26
CA SER A 123 -12.66 -8.57 3.22
C SER A 123 -11.23 -9.00 3.39
N ALA A 124 -10.32 -8.57 2.50
CA ALA A 124 -8.86 -8.84 2.70
C ALA A 124 -8.40 -8.32 4.08
N LEU A 125 -9.06 -7.28 4.61
CA LEU A 125 -8.56 -6.65 5.84
CA LEU A 125 -8.59 -6.63 5.84
C LEU A 125 -9.22 -7.22 7.11
N LYS A 126 -10.10 -8.22 6.96
CA LYS A 126 -10.89 -8.76 8.09
CA LYS A 126 -10.88 -8.78 8.09
C LYS A 126 -9.98 -9.13 9.31
N SER A 127 -8.79 -9.67 9.07
CA SER A 127 -7.98 -10.15 10.20
CA SER A 127 -7.94 -10.16 10.16
C SER A 127 -6.96 -9.12 10.63
N ALA A 128 -7.08 -7.89 10.14
CA ALA A 128 -6.11 -6.81 10.45
C ALA A 128 -6.38 -6.06 11.78
N PHE A 129 -7.44 -6.43 12.51
CA PHE A 129 -7.94 -5.59 13.65
C PHE A 129 -7.58 -6.06 15.06
N SER A 130 -6.90 -7.20 15.20
CA SER A 130 -6.45 -7.64 16.55
CA SER A 130 -6.45 -7.65 16.53
C SER A 130 -5.63 -6.57 17.30
N GLU A 131 -6.01 -6.27 18.56
CA GLU A 131 -5.23 -5.30 19.41
C GLU A 131 -4.12 -6.07 20.12
N ASP A 132 -3.30 -6.72 19.33
CA ASP A 132 -2.13 -7.45 19.87
C ASP A 132 -0.90 -6.50 19.84
N GLU A 133 0.26 -7.03 20.19
CA GLU A 133 1.39 -6.20 20.38
C GLU A 133 2.24 -6.24 19.10
N PHE A 134 2.45 -5.08 18.46
CA PHE A 134 3.28 -5.04 17.22
C PHE A 134 3.66 -3.61 16.97
N HIS A 135 4.70 -3.42 16.16
CA HIS A 135 5.05 -2.10 15.57
C HIS A 135 4.64 -2.02 14.13
N ILE A 136 4.79 -3.12 13.38
CA ILE A 136 4.33 -3.22 11.97
C ILE A 136 3.55 -4.53 11.83
N LYS A 137 2.41 -4.50 11.10
CA LYS A 137 1.71 -5.75 10.77
C LYS A 137 1.47 -5.70 9.27
N LEU A 138 2.15 -6.56 8.53
CA LEU A 138 2.03 -6.64 7.06
C LEU A 138 0.87 -7.56 6.64
N GLY A 139 0.04 -7.10 5.68
CA GLY A 139 -0.93 -8.00 5.03
C GLY A 139 -0.17 -8.96 4.10
N VAL A 140 -0.37 -10.29 4.26
CA VAL A 140 0.34 -11.30 3.46
C VAL A 140 -0.69 -12.18 2.79
N SER A 141 -0.31 -12.82 1.68
CA SER A 141 -1.22 -13.77 1.06
C SER A 141 -0.39 -14.85 0.42
N LYS A 142 -0.94 -16.08 0.37
CA LYS A 142 -0.37 -17.20 -0.45
C LYS A 142 -1.13 -17.23 -1.78
N ARG A 143 -2.22 -16.43 -1.91
CA ARG A 143 -3.05 -16.58 -3.12
C ARG A 143 -2.28 -15.89 -4.29
N SER A 144 -1.98 -16.63 -5.33
CA SER A 144 -1.01 -16.17 -6.31
C SER A 144 -1.56 -16.21 -7.75
N ASP A 145 -2.89 -16.40 -7.96
CA ASP A 145 -3.39 -16.53 -9.34
C ASP A 145 -3.21 -15.22 -10.07
N LEU A 146 -3.32 -14.10 -9.38
CA LEU A 146 -3.22 -12.83 -10.07
C LEU A 146 -1.87 -12.22 -10.04
N ILE A 147 -1.16 -12.39 -8.94
CA ILE A 147 0.10 -11.61 -8.74
C ILE A 147 1.18 -12.09 -9.75
N ASP A 148 1.93 -11.14 -10.21
CA ASP A 148 3.17 -11.47 -10.91
C ASP A 148 4.28 -11.70 -9.81
N PRO A 149 4.81 -12.91 -9.64
CA PRO A 149 5.70 -13.17 -8.46
C PRO A 149 7.01 -12.37 -8.61
N GLU A 150 7.33 -11.79 -9.79
CA GLU A 150 8.52 -10.89 -9.88
CA GLU A 150 8.50 -10.87 -9.94
C GLU A 150 8.24 -9.51 -9.32
N LYS A 151 6.96 -9.13 -9.28
CA LYS A 151 6.64 -7.80 -8.77
C LYS A 151 6.52 -7.75 -7.24
N ALA A 152 6.00 -8.81 -6.60
CA ALA A 152 5.71 -8.76 -5.17
C ALA A 152 7.00 -9.17 -4.45
N SER A 153 7.24 -8.53 -3.33
CA SER A 153 8.28 -9.01 -2.47
CA SER A 153 8.24 -8.97 -2.40
CA SER A 153 8.24 -8.97 -2.39
C SER A 153 7.74 -10.24 -1.71
N LYS A 154 8.69 -11.07 -1.24
CA LYS A 154 8.37 -12.38 -0.68
C LYS A 154 8.65 -12.34 0.81
N VAL A 155 7.92 -13.13 1.60
CA VAL A 155 7.99 -13.02 3.04
C VAL A 155 8.16 -14.45 3.59
N LEU A 156 9.13 -14.64 4.48
CA LEU A 156 9.20 -15.87 5.28
C LEU A 156 8.53 -15.54 6.62
N VAL A 157 7.44 -16.26 6.93
CA VAL A 157 6.63 -16.00 8.14
C VAL A 157 6.73 -17.26 9.02
N ASN A 158 6.86 -17.08 10.37
CA ASN A 158 6.73 -18.22 11.25
C ASN A 158 5.69 -17.80 12.24
N GLU A 159 4.59 -18.59 12.37
CA GLU A 159 3.41 -18.22 13.19
CA GLU A 159 3.40 -18.24 13.15
C GLU A 159 2.89 -16.90 12.62
N ASN A 160 2.94 -15.84 13.40
CA ASN A 160 2.51 -14.57 12.74
C ASN A 160 3.59 -13.56 12.63
N ARG A 161 4.85 -13.98 12.75
CA ARG A 161 6.03 -13.06 12.74
C ARG A 161 6.71 -13.09 11.35
N ILE A 162 7.23 -11.93 10.97
CA ILE A 162 8.11 -11.91 9.80
C ILE A 162 9.48 -12.34 10.23
N VAL A 163 10.01 -13.39 9.64
CA VAL A 163 11.40 -13.87 9.87
C VAL A 163 12.41 -13.08 8.99
N LYS A 164 12.02 -12.93 7.73
CA LYS A 164 12.87 -12.31 6.72
C LYS A 164 11.94 -11.88 5.59
N ILE A 165 12.34 -10.84 4.82
CA ILE A 165 11.46 -10.35 3.76
C ILE A 165 12.34 -9.73 2.69
N GLY A 166 12.02 -9.93 1.40
CA GLY A 166 12.85 -9.21 0.36
C GLY A 166 12.37 -9.75 -1.00
N LYS A 167 12.97 -9.26 -2.07
CA LYS A 167 12.66 -9.85 -3.43
C LYS A 167 13.35 -11.16 -3.79
N ARG A 168 14.63 -11.31 -3.42
CA ARG A 168 15.42 -12.48 -3.82
CA ARG A 168 15.41 -12.48 -3.82
CA ARG A 168 15.41 -12.49 -3.83
CA ARG A 168 15.40 -12.50 -3.82
C ARG A 168 15.59 -13.51 -2.69
N ILE A 169 14.67 -13.56 -1.73
CA ILE A 169 14.92 -14.42 -0.60
CA ILE A 169 14.83 -14.42 -0.57
C ILE A 169 14.66 -15.90 -0.99
N ASP A 170 15.50 -16.81 -0.49
CA ASP A 170 15.47 -18.21 -0.99
C ASP A 170 14.42 -19.12 -0.36
N GLN A 171 13.81 -18.67 0.72
CA GLN A 171 12.81 -19.47 1.46
C GLN A 171 11.69 -18.48 1.81
N TYR A 172 10.47 -18.78 1.37
CA TYR A 172 9.37 -17.82 1.67
C TYR A 172 8.05 -18.59 1.54
N ASN A 173 7.06 -18.16 2.31
CA ASN A 173 5.76 -18.89 2.32
C ASN A 173 4.59 -17.95 1.99
N TYR A 174 4.89 -16.66 1.88
CA TYR A 174 3.84 -15.68 1.58
C TYR A 174 4.34 -14.58 0.67
N PHE A 175 3.38 -13.90 0.02
CA PHE A 175 3.66 -12.59 -0.65
C PHE A 175 3.29 -11.40 0.23
N ASP A 176 4.09 -10.32 0.09
CA ASP A 176 3.84 -8.99 0.65
C ASP A 176 2.76 -8.34 -0.25
N THR A 177 1.62 -7.91 0.33
CA THR A 177 0.50 -7.41 -0.49
C THR A 177 0.57 -5.88 -0.69
N GLY A 178 1.56 -5.22 -0.09
CA GLY A 178 1.60 -3.74 -0.13
C GLY A 178 0.59 -3.04 0.80
N VAL A 179 -0.06 -3.76 1.72
CA VAL A 179 -0.96 -3.23 2.73
C VAL A 179 -0.41 -3.54 4.10
N PHE A 180 -0.48 -2.54 5.00
CA PHE A 180 0.21 -2.66 6.31
C PHE A 180 -0.66 -2.00 7.37
N VAL A 181 -0.50 -2.43 8.62
CA VAL A 181 -0.91 -1.60 9.77
C VAL A 181 0.40 -1.08 10.37
N MET A 182 0.57 0.24 10.50
CA MET A 182 1.82 0.84 11.03
C MET A 182 1.48 1.49 12.38
N THR A 183 2.52 1.74 13.20
CA THR A 183 2.37 2.55 14.40
C THR A 183 3.40 3.66 14.27
N LYS A 184 3.22 4.73 15.05
CA LYS A 184 4.13 5.86 14.99
C LYS A 184 5.58 5.50 15.25
N LYS A 185 5.88 4.45 16.03
CA LYS A 185 7.29 4.05 16.28
C LYS A 185 8.03 3.76 14.98
N VAL A 186 7.31 3.32 13.92
CA VAL A 186 7.99 3.04 12.63
C VAL A 186 8.75 4.25 12.08
N TYR A 187 8.25 5.46 12.30
CA TYR A 187 8.94 6.64 11.80
C TYR A 187 10.33 6.80 12.33
N SER A 188 10.64 6.20 13.48
CA SER A 188 11.97 6.37 14.10
C SER A 188 13.03 5.70 13.17
N LEU A 189 12.61 4.85 12.26
CA LEU A 189 13.57 4.25 11.24
C LEU A 189 14.02 5.23 10.13
N LYS A 190 13.43 6.44 10.03
CA LYS A 190 13.77 7.36 8.93
CA LYS A 190 13.77 7.35 8.91
C LYS A 190 15.28 7.63 8.82
N GLU A 191 15.96 7.63 9.95
CA GLU A 191 17.37 8.02 10.00
CA GLU A 191 17.37 8.02 9.96
C GLU A 191 18.28 6.82 9.84
N SER A 192 17.72 5.61 9.73
CA SER A 192 18.52 4.39 9.64
CA SER A 192 18.52 4.40 9.66
C SER A 192 19.03 4.07 8.25
N PHE A 193 18.71 4.92 7.27
CA PHE A 193 19.10 4.71 5.85
C PHE A 193 19.97 5.85 5.39
N SER A 194 20.83 5.61 4.38
CA SER A 194 21.74 6.68 3.95
C SER A 194 21.07 7.73 3.03
N TRP A 195 20.00 7.31 2.34
CA TRP A 195 19.21 8.09 1.37
C TRP A 195 19.98 8.49 0.15
N THR A 196 20.88 7.62 -0.30
CA THR A 196 21.67 7.86 -1.51
C THR A 196 21.19 6.90 -2.57
N GLU A 197 20.12 6.19 -2.28
CA GLU A 197 19.58 5.24 -3.22
C GLU A 197 18.15 4.99 -2.78
N ASP A 198 17.34 4.54 -3.74
CA ASP A 198 15.95 4.15 -3.58
C ASP A 198 15.76 3.17 -2.37
N ILE A 199 14.82 3.44 -1.43
CA ILE A 199 14.54 2.51 -0.32
CA ILE A 199 14.55 2.45 -0.39
C ILE A 199 13.08 2.03 -0.50
N SER A 200 12.84 0.72 -0.58
CA SER A 200 11.44 0.29 -0.74
CA SER A 200 11.49 0.18 -0.73
C SER A 200 10.85 -0.06 0.64
N LEU A 201 9.52 -0.21 0.69
CA LEU A 201 8.92 -0.52 1.99
C LEU A 201 9.37 -1.84 2.54
N TYR A 202 9.62 -2.85 1.69
CA TYR A 202 10.00 -4.16 2.27
C TYR A 202 11.32 -4.01 2.97
N HIS A 203 12.15 -3.07 2.48
CA HIS A 203 13.49 -2.83 3.12
C HIS A 203 13.24 -2.21 4.51
N VAL A 204 12.20 -1.36 4.65
CA VAL A 204 11.84 -0.83 6.01
C VAL A 204 11.45 -1.96 6.95
N LEU A 205 10.67 -2.91 6.45
CA LEU A 205 10.28 -4.08 7.31
C LEU A 205 11.49 -4.88 7.71
N GLN A 206 12.38 -5.13 6.76
CA GLN A 206 13.60 -5.94 7.06
C GLN A 206 14.43 -5.16 8.12
N LYS A 207 14.60 -3.85 7.93
CA LYS A 207 15.28 -3.02 8.95
C LYS A 207 14.62 -3.06 10.34
N ALA A 208 13.29 -3.06 10.36
CA ALA A 208 12.51 -3.20 11.63
C ALA A 208 12.85 -4.51 12.29
N VAL A 209 12.81 -5.62 11.55
CA VAL A 209 13.21 -6.92 12.14
C VAL A 209 14.65 -6.82 12.68
N ASP A 210 15.54 -6.28 11.88
CA ASP A 210 17.00 -6.19 12.24
C ASP A 210 17.31 -5.28 13.42
N THR A 211 16.36 -4.40 13.80
CA THR A 211 16.63 -3.47 14.88
C THR A 211 15.79 -3.89 16.08
N GLY A 212 15.14 -5.07 16.05
CA GLY A 212 14.47 -5.58 17.26
C GLY A 212 13.03 -5.13 17.42
N MET A 213 12.41 -4.53 16.40
CA MET A 213 10.95 -4.24 16.46
C MET A 213 10.12 -5.50 16.33
N ILE A 214 8.84 -5.40 16.69
CA ILE A 214 7.92 -6.50 16.57
C ILE A 214 7.23 -6.34 15.24
N VAL A 215 7.56 -7.26 14.31
CA VAL A 215 7.01 -7.17 12.91
C VAL A 215 6.20 -8.45 12.70
N LYS A 216 4.87 -8.28 12.54
CA LYS A 216 3.91 -9.39 12.47
C LYS A 216 3.20 -9.32 11.11
N VAL A 217 2.23 -10.22 10.88
CA VAL A 217 1.50 -10.24 9.62
C VAL A 217 0.04 -10.41 9.97
N PHE A 218 -0.84 -10.01 9.04
CA PHE A 218 -2.23 -10.52 9.07
C PHE A 218 -2.47 -11.17 7.72
N ASP A 219 -3.27 -12.25 7.70
CA ASP A 219 -3.41 -13.02 6.51
C ASP A 219 -4.66 -12.53 5.75
N PHE A 220 -4.48 -12.20 4.48
CA PHE A 220 -5.60 -11.97 3.53
C PHE A 220 -6.48 -13.22 3.34
N GLY A 221 -5.96 -14.44 3.65
CA GLY A 221 -6.74 -15.66 3.50
C GLY A 221 -6.93 -15.86 1.98
N ASN A 222 -8.19 -16.11 1.56
CA ASN A 222 -8.49 -16.49 0.18
CA ASN A 222 -8.45 -16.48 0.18
C ASN A 222 -8.88 -15.29 -0.66
N ALA A 223 -8.73 -14.06 -0.11
CA ALA A 223 -9.16 -12.84 -0.88
C ALA A 223 -8.35 -12.70 -2.17
N LEU A 224 -9.08 -12.39 -3.25
CA LEU A 224 -8.45 -12.08 -4.54
C LEU A 224 -7.62 -10.79 -4.34
N TRP A 225 -6.39 -10.70 -4.87
CA TRP A 225 -5.63 -9.41 -4.72
C TRP A 225 -4.53 -9.43 -5.75
N THR A 226 -4.03 -8.24 -6.07
CA THR A 226 -2.87 -8.15 -6.91
C THR A 226 -2.23 -6.78 -6.73
N GLU A 227 -1.16 -6.55 -7.48
CA GLU A 227 -0.48 -5.21 -7.62
C GLU A 227 -0.48 -4.90 -9.11
N ILE A 228 -0.87 -3.66 -9.48
CA ILE A 228 -1.02 -3.31 -10.90
C ILE A 228 0.23 -2.57 -11.31
N ASP A 229 1.12 -3.28 -12.05
CA ASP A 229 2.45 -2.71 -12.46
C ASP A 229 2.66 -2.70 -13.97
N SER A 230 2.07 -3.67 -14.65
CA SER A 230 2.34 -3.81 -16.10
C SER A 230 1.01 -4.09 -16.82
N PRO A 231 1.01 -3.89 -18.16
CA PRO A 231 -0.20 -4.08 -18.93
C PRO A 231 -0.71 -5.50 -18.78
N ALA A 232 0.20 -6.45 -18.58
CA ALA A 232 -0.18 -7.85 -18.43
C ALA A 232 -0.88 -8.16 -17.05
N ASP A 233 -0.82 -7.27 -16.06
CA ASP A 233 -1.63 -7.40 -14.84
C ASP A 233 -3.10 -7.11 -15.02
N LEU A 234 -3.49 -6.55 -16.17
CA LEU A 234 -4.89 -6.19 -16.44
C LEU A 234 -5.57 -7.35 -17.17
N ASN A 235 -6.62 -7.93 -16.64
CA ASN A 235 -7.25 -9.12 -17.25
C ASN A 235 -8.65 -9.19 -16.71
N SER A 236 -9.44 -10.15 -17.19
CA SER A 236 -10.84 -10.33 -16.81
C SER A 236 -10.97 -10.50 -15.28
N LYS A 237 -10.10 -11.33 -14.66
CA LYS A 237 -10.22 -11.57 -13.21
C LYS A 237 -10.00 -10.24 -12.43
N VAL A 238 -9.06 -9.39 -12.89
CA VAL A 238 -8.80 -8.10 -12.26
C VAL A 238 -9.99 -7.18 -12.47
N TYR A 239 -10.55 -7.18 -13.69
CA TYR A 239 -11.78 -6.36 -13.92
C TYR A 239 -12.92 -6.81 -12.95
N GLU A 240 -13.05 -8.13 -12.69
CA GLU A 240 -14.13 -8.57 -11.82
CA GLU A 240 -14.07 -8.70 -11.75
C GLU A 240 -13.82 -8.18 -10.34
N LEU A 241 -12.54 -8.20 -9.93
CA LEU A 241 -12.15 -7.67 -8.63
C LEU A 241 -12.44 -6.13 -8.50
N MET A 242 -12.14 -5.38 -9.56
CA MET A 242 -12.50 -3.92 -9.57
C MET A 242 -13.98 -3.74 -9.41
N SER A 243 -14.81 -4.55 -10.12
CA SER A 243 -16.28 -4.49 -10.02
CA SER A 243 -16.25 -4.41 -10.00
C SER A 243 -16.71 -4.73 -8.56
N LYS A 244 -16.07 -5.74 -7.93
CA LYS A 244 -16.42 -6.12 -6.59
C LYS A 244 -16.13 -4.96 -5.63
N ILE A 245 -14.96 -4.33 -5.74
CA ILE A 245 -14.55 -3.27 -4.84
C ILE A 245 -15.53 -2.10 -4.99
N LYS A 246 -15.95 -1.79 -6.23
CA LYS A 246 -16.84 -0.66 -6.50
C LYS A 246 -18.28 -0.91 -6.09
N GLU A 247 -18.67 -2.12 -5.64
CA GLU A 247 -20.09 -2.38 -5.28
C GLU A 247 -20.63 -1.29 -4.34
N GLY A 248 -21.78 -0.73 -4.73
CA GLY A 248 -22.48 0.23 -3.90
C GLY A 248 -21.85 1.61 -3.80
N VAL A 249 -20.83 1.91 -4.62
CA VAL A 249 -20.05 3.18 -4.54
CA VAL A 249 -20.20 3.23 -4.54
C VAL A 249 -20.02 3.81 -5.93
N ALA A 250 -20.27 5.11 -6.05
CA ALA A 250 -20.01 5.81 -7.31
C ALA A 250 -18.59 6.36 -7.18
N CYS A 251 -17.63 5.66 -7.73
CA CYS A 251 -16.24 6.03 -7.43
C CYS A 251 -15.85 7.33 -8.21
#